data_8VJE
#
_entry.id   8VJE
#
_cell.length_a   69.107
_cell.length_b   69.107
_cell.length_c   79.030
_cell.angle_alpha   90.000
_cell.angle_beta   90.000
_cell.angle_gamma   120.000
#
_symmetry.space_group_name_H-M   'P 31 2 1'
#
loop_
_entity.id
_entity.type
_entity.pdbx_description
1 polymer 'Peptidyl-prolyl cis-trans isomerase NIMA-interacting 1'
2 polymer 'Inhibitor 158F10'
3 non-polymer 'SULFATE ION'
4 non-polymer 2,3-DIHYDROXY-1,4-DITHIOBUTANE
5 non-polymer 3,6,9,12,15,18-HEXAOXAICOSANE-1,20-DIOL
6 water water
#
loop_
_entity_poly.entity_id
_entity_poly.type
_entity_poly.pdbx_seq_one_letter_code
_entity_poly.pdbx_strand_id
1 'polypeptide(L)'
;GSHMADEEKLPPGWEKAMSRSSGRVYYFNHITNASQWERPSGNSSSGGKNGQGEPARVRCSHLLVKHSQSRRPSSWRQEK
ITRTKEEALELINGYIQKIKSGEEDFESLASQFSDCSSAKARGDLGAFSRGQMQKPFEDASFALRTGEMSGPVFTDSGIH
IILRTE
;
A
2 'polypeptide(L)' (ACE)F(YCP)(A1A2Y)(NH2) B
#
# COMPACT_ATOMS: atom_id res chain seq x y z
N LEU A 10 6.60 -17.45 12.97
CA LEU A 10 6.15 -16.17 12.42
C LEU A 10 5.33 -16.36 11.14
N PRO A 11 4.27 -15.59 11.00
CA PRO A 11 3.40 -15.69 9.80
C PRO A 11 4.18 -15.46 8.52
N PRO A 12 3.58 -15.75 7.36
CA PRO A 12 4.33 -15.69 6.10
C PRO A 12 4.86 -14.30 5.79
N GLY A 13 6.18 -14.21 5.64
CA GLY A 13 6.84 -12.99 5.23
C GLY A 13 7.43 -12.16 6.34
N TRP A 14 7.16 -12.51 7.60
CA TRP A 14 7.55 -11.69 8.74
C TRP A 14 8.93 -12.09 9.27
N GLU A 15 9.71 -11.09 9.67
CA GLU A 15 11.03 -11.29 10.24
C GLU A 15 11.22 -10.34 11.41
N LYS A 16 12.13 -10.71 12.32
CA LYS A 16 12.44 -9.88 13.48
C LYS A 16 13.65 -9.00 13.15
N ALA A 17 13.58 -7.74 13.56
CA ALA A 17 14.67 -6.81 13.35
C ALA A 17 14.81 -5.92 14.59
N MET A 18 15.89 -5.15 14.62
CA MET A 18 16.16 -4.25 15.74
C MET A 18 16.11 -2.81 15.24
N SER A 19 15.41 -1.96 15.98
CA SER A 19 15.26 -0.56 15.59
C SER A 19 16.60 0.15 15.67
N ARG A 20 16.92 0.92 14.63
CA ARG A 20 18.22 1.58 14.59
C ARG A 20 18.30 2.71 15.63
N SER A 21 17.20 3.41 15.87
CA SER A 21 17.26 4.56 16.76
C SER A 21 17.07 4.19 18.23
N SER A 22 16.19 3.22 18.51
CA SER A 22 15.88 2.86 19.89
C SER A 22 16.48 1.53 20.34
N GLY A 23 16.86 0.66 19.41
CA GLY A 23 17.36 -0.63 19.81
C GLY A 23 16.31 -1.63 20.21
N ARG A 24 15.03 -1.25 20.11
CA ARG A 24 13.93 -2.13 20.42
C ARG A 24 13.65 -3.06 19.24
N VAL A 25 13.33 -4.31 19.55
CA VAL A 25 12.92 -5.27 18.54
C VAL A 25 11.64 -4.82 17.85
N TYR A 26 11.54 -5.04 16.54
CA TYR A 26 10.29 -4.85 15.83
C TYR A 26 10.15 -5.93 14.76
N TYR A 27 9.05 -5.88 14.03
CA TYR A 27 8.76 -6.91 13.03
C TYR A 27 8.52 -6.27 11.67
N PHE A 28 9.08 -6.90 10.63
CA PHE A 28 9.02 -6.40 9.27
C PHE A 28 8.56 -7.51 8.35
N ASN A 29 7.67 -7.20 7.41
CA ASN A 29 7.19 -8.16 6.42
C ASN A 29 7.75 -7.78 5.05
N HIS A 30 8.60 -8.64 4.48
CA HIS A 30 9.25 -8.24 3.25
C HIS A 30 8.33 -8.34 2.03
N ILE A 31 7.17 -8.98 2.18
CA ILE A 31 6.22 -9.10 1.06
C ILE A 31 5.34 -7.87 0.99
N THR A 32 4.84 -7.42 2.13
CA THR A 32 3.97 -6.25 2.19
C THR A 32 4.72 -4.97 2.51
N ASN A 33 5.97 -5.08 2.96
CA ASN A 33 6.77 -3.97 3.45
C ASN A 33 6.13 -3.28 4.65
N ALA A 34 5.26 -4.00 5.35
CA ALA A 34 4.74 -3.56 6.63
C ALA A 34 5.78 -3.66 7.74
N SER A 35 5.69 -2.75 8.71
CA SER A 35 6.52 -2.85 9.90
C SER A 35 5.72 -2.42 11.12
N GLN A 36 6.02 -3.04 12.26
CA GLN A 36 5.25 -2.80 13.47
C GLN A 36 6.06 -3.27 14.69
N TRP A 37 5.76 -2.70 15.85
CA TRP A 37 6.42 -3.14 17.08
C TRP A 37 5.88 -4.46 17.59
N GLU A 38 4.58 -4.68 17.43
CA GLU A 38 3.90 -5.81 18.04
C GLU A 38 4.16 -7.08 17.25
N ARG A 39 4.29 -8.21 17.96
CA ARG A 39 4.55 -9.48 17.30
C ARG A 39 3.33 -9.88 16.47
N PRO A 40 3.49 -10.15 15.18
CA PRO A 40 2.33 -10.38 14.32
C PRO A 40 1.66 -11.71 14.60
N SER A 41 0.34 -11.72 14.45
CA SER A 41 -0.48 -12.93 14.61
C SER A 41 -1.90 -12.64 14.20
N GLU A 54 -4.68 -19.81 3.18
CA GLU A 54 -4.83 -18.61 2.37
C GLU A 54 -6.20 -18.59 1.70
N PRO A 55 -6.91 -17.47 1.81
CA PRO A 55 -8.27 -17.39 1.24
C PRO A 55 -8.23 -17.36 -0.27
N ALA A 56 -9.31 -17.86 -0.87
CA ALA A 56 -9.40 -17.86 -2.32
C ALA A 56 -9.46 -16.44 -2.88
N ARG A 57 -10.06 -15.51 -2.15
CA ARG A 57 -10.20 -14.14 -2.61
C ARG A 57 -10.01 -13.19 -1.42
N VAL A 58 -9.48 -12.01 -1.73
CA VAL A 58 -9.41 -10.93 -0.76
C VAL A 58 -10.02 -9.69 -1.40
N ARG A 59 -10.44 -8.76 -0.55
CA ARG A 59 -10.88 -7.45 -1.01
C ARG A 59 -9.89 -6.43 -0.49
N CYS A 60 -9.46 -5.50 -1.34
CA CYS A 60 -8.52 -4.47 -0.92
C CYS A 60 -8.92 -3.10 -1.45
N SER A 61 -8.47 -2.08 -0.74
CA SER A 61 -8.43 -0.72 -1.24
C SER A 61 -6.96 -0.34 -1.42
N HIS A 62 -6.71 0.67 -2.26
CA HIS A 62 -5.33 1.11 -2.37
C HIS A 62 -5.28 2.60 -2.64
N LEU A 63 -4.11 3.17 -2.40
CA LEU A 63 -3.78 4.55 -2.75
C LEU A 63 -2.52 4.47 -3.59
N LEU A 64 -2.61 4.92 -4.83
CA LEU A 64 -1.49 4.86 -5.75
C LEU A 64 -0.89 6.24 -5.92
N VAL A 65 0.44 6.37 -5.80
CA VAL A 65 1.14 7.58 -6.21
C VAL A 65 1.96 7.21 -7.44
N LYS A 66 1.68 7.87 -8.55
CA LYS A 66 2.45 7.62 -9.76
C LYS A 66 3.71 8.48 -9.78
N HIS A 67 4.60 8.15 -10.72
CA HIS A 67 5.81 8.93 -10.92
C HIS A 67 6.15 8.93 -12.40
N SER A 68 7.25 9.63 -12.74
CA SER A 68 7.55 9.85 -14.15
C SER A 68 7.85 8.55 -14.90
N GLN A 69 8.16 7.46 -14.20
CA GLN A 69 8.45 6.20 -14.86
C GLN A 69 7.27 5.22 -14.79
N SER A 70 6.12 5.64 -14.27
CA SER A 70 4.92 4.81 -14.32
C SER A 70 4.60 4.44 -15.77
N ARG A 71 3.99 3.26 -15.93
CA ARG A 71 3.64 2.78 -17.27
C ARG A 71 2.79 3.80 -18.03
N ARG A 72 1.82 4.41 -17.35
CA ARG A 72 1.07 5.54 -17.90
C ARG A 72 1.24 6.70 -16.92
N PRO A 73 2.15 7.64 -17.17
CA PRO A 73 2.40 8.73 -16.22
C PRO A 73 1.37 9.84 -16.33
N SER A 74 0.12 9.48 -16.02
CA SER A 74 -1.04 10.36 -16.14
C SER A 74 -2.08 9.84 -15.17
N SER A 75 -2.91 10.75 -14.67
CA SER A 75 -4.02 10.34 -13.81
C SER A 75 -5.09 11.43 -13.86
N TRP A 76 -6.22 11.15 -13.20
CA TRP A 76 -7.25 12.18 -13.07
C TRP A 76 -6.73 13.42 -12.36
N ARG A 77 -5.66 13.29 -11.56
CA ARG A 77 -5.13 14.43 -10.84
C ARG A 77 -4.24 15.30 -11.69
N GLN A 78 -3.62 14.73 -12.72
CA GLN A 78 -2.53 15.38 -13.43
C GLN A 78 -2.40 14.77 -14.81
N GLU A 79 -2.49 15.60 -15.87
CA GLU A 79 -2.37 15.04 -17.21
C GLU A 79 -0.97 14.49 -17.46
N LYS A 80 0.06 15.19 -16.98
CA LYS A 80 1.43 14.70 -17.09
C LYS A 80 2.02 14.62 -15.68
N ILE A 81 2.29 13.42 -15.22
CA ILE A 81 2.88 13.22 -13.91
C ILE A 81 4.40 13.27 -14.05
N THR A 82 5.00 14.22 -13.34
CA THR A 82 6.41 14.54 -13.49
C THR A 82 7.25 14.23 -12.27
N ARG A 83 6.63 13.93 -11.13
CA ARG A 83 7.42 13.70 -9.92
C ARG A 83 8.30 12.49 -10.09
N THR A 84 9.46 12.51 -9.43
CA THR A 84 10.40 11.41 -9.51
C THR A 84 9.90 10.24 -8.66
N LYS A 85 10.43 9.05 -8.93
CA LYS A 85 10.09 7.90 -8.11
C LYS A 85 10.42 8.15 -6.64
N GLU A 86 11.53 8.84 -6.39
CA GLU A 86 11.92 9.16 -5.03
C GLU A 86 10.93 10.11 -4.38
N GLU A 87 10.42 11.08 -5.15
CA GLU A 87 9.41 12.00 -4.62
C GLU A 87 8.10 11.29 -4.36
N ALA A 88 7.76 10.32 -5.21
CA ALA A 88 6.55 9.54 -4.98
C ALA A 88 6.65 8.72 -3.71
N LEU A 89 7.83 8.13 -3.46
CA LEU A 89 8.00 7.36 -2.24
C LEU A 89 7.87 8.25 -1.02
N GLU A 90 8.42 9.46 -1.06
CA GLU A 90 8.28 10.35 0.08
C GLU A 90 6.82 10.70 0.33
N LEU A 91 6.02 10.89 -0.73
CA LEU A 91 4.60 11.14 -0.55
C LEU A 91 3.91 9.96 0.11
N ILE A 92 4.22 8.75 -0.38
CA ILE A 92 3.65 7.53 0.19
C ILE A 92 4.02 7.41 1.67
N ASN A 93 5.29 7.66 2.00
CA ASN A 93 5.72 7.59 3.39
C ASN A 93 4.95 8.55 4.27
N GLY A 94 4.70 9.76 3.77
CA GLY A 94 3.95 10.73 4.55
C GLY A 94 2.50 10.34 4.75
N TYR A 95 1.88 9.75 3.72
CA TYR A 95 0.51 9.27 3.89
C TYR A 95 0.46 8.15 4.91
N ILE A 96 1.41 7.23 4.86
CA ILE A 96 1.45 6.14 5.84
C ILE A 96 1.58 6.71 7.24
N GLN A 97 2.45 7.72 7.41
CA GLN A 97 2.60 8.33 8.74
C GLN A 97 1.28 8.87 9.25
N LYS A 98 0.57 9.61 8.40
CA LYS A 98 -0.66 10.24 8.84
C LYS A 98 -1.76 9.22 9.08
N ILE A 99 -1.79 8.14 8.30
CA ILE A 99 -2.77 7.08 8.55
C ILE A 99 -2.47 6.38 9.87
N LYS A 100 -1.19 6.09 10.13
CA LYS A 100 -0.86 5.38 11.36
C LYS A 100 -1.03 6.21 12.61
N SER A 101 -0.84 7.54 12.51
CA SER A 101 -1.08 8.44 13.63
C SER A 101 -2.56 8.71 13.86
N GLY A 102 -3.41 8.37 12.90
CA GLY A 102 -4.81 8.70 13.00
C GLY A 102 -5.15 10.12 12.64
N GLU A 103 -4.17 10.90 12.18
CA GLU A 103 -4.44 12.27 11.72
C GLU A 103 -5.33 12.28 10.49
N GLU A 104 -5.19 11.28 9.62
CA GLU A 104 -6.06 11.11 8.46
C GLU A 104 -6.47 9.65 8.41
N ASP A 105 -7.58 9.34 7.74
CA ASP A 105 -7.81 7.94 7.50
C ASP A 105 -7.51 7.59 6.05
N PHE A 106 -7.30 6.30 5.84
CA PHE A 106 -6.88 5.80 4.54
C PHE A 106 -7.84 6.24 3.44
N GLU A 107 -9.14 6.06 3.68
CA GLU A 107 -10.13 6.33 2.63
C GLU A 107 -10.13 7.79 2.22
N SER A 108 -9.97 8.69 3.18
CA SER A 108 -9.96 10.11 2.87
C SER A 108 -8.74 10.49 2.04
N LEU A 109 -7.57 9.92 2.35
CA LEU A 109 -6.39 10.22 1.54
C LEU A 109 -6.51 9.56 0.17
N ALA A 110 -7.07 8.36 0.09
CA ALA A 110 -7.18 7.73 -1.22
C ALA A 110 -8.12 8.53 -2.10
N SER A 111 -9.23 9.02 -1.53
CA SER A 111 -10.20 9.81 -2.28
C SER A 111 -9.59 11.09 -2.81
N GLN A 112 -8.68 11.70 -2.05
CA GLN A 112 -8.11 12.97 -2.44
C GLN A 112 -6.88 12.82 -3.33
N PHE A 113 -6.06 11.80 -3.12
CA PHE A 113 -4.71 11.81 -3.66
C PHE A 113 -4.30 10.58 -4.46
N SER A 114 -5.11 9.54 -4.53
CA SER A 114 -4.70 8.38 -5.30
C SER A 114 -4.74 8.71 -6.79
N ASP A 115 -3.65 8.40 -7.49
CA ASP A 115 -3.51 8.63 -8.93
C ASP A 115 -4.22 7.56 -9.73
N CYS A 116 -5.48 7.30 -9.41
CA CYS A 116 -6.19 6.16 -9.94
C CYS A 116 -7.68 6.48 -9.94
N SER A 117 -8.39 5.95 -10.94
CA SER A 117 -9.83 6.19 -11.01
C SER A 117 -10.55 5.63 -9.79
N SER A 118 -9.95 4.66 -9.10
CA SER A 118 -10.54 4.10 -7.89
C SER A 118 -10.61 5.10 -6.74
N ALA A 119 -9.95 6.26 -6.87
CA ALA A 119 -10.08 7.30 -5.85
C ALA A 119 -11.54 7.65 -5.60
N LYS A 120 -12.35 7.68 -6.66
CA LYS A 120 -13.76 7.98 -6.51
C LYS A 120 -14.50 6.97 -5.65
N ALA A 121 -13.97 5.75 -5.53
CA ALA A 121 -14.52 4.71 -4.68
C ALA A 121 -13.74 4.57 -3.37
N ARG A 122 -13.09 5.65 -2.93
N ARG A 122 -13.08 5.65 -2.94
CA ARG A 122 -12.28 5.64 -1.71
CA ARG A 122 -12.27 5.66 -1.72
C ARG A 122 -11.18 4.58 -1.78
C ARG A 122 -11.20 4.57 -1.77
N GLY A 123 -10.73 4.27 -2.98
CA GLY A 123 -9.64 3.33 -3.18
C GLY A 123 -10.06 1.88 -3.36
N ASP A 124 -11.34 1.57 -3.19
CA ASP A 124 -11.79 0.19 -3.23
C ASP A 124 -11.61 -0.42 -4.61
N LEU A 125 -10.98 -1.59 -4.66
CA LEU A 125 -10.82 -2.36 -5.89
C LEU A 125 -11.80 -3.52 -6.00
N GLY A 126 -12.57 -3.80 -4.95
CA GLY A 126 -13.40 -4.99 -4.94
C GLY A 126 -12.58 -6.22 -4.59
N ALA A 127 -13.23 -7.37 -4.72
CA ALA A 127 -12.60 -8.65 -4.41
C ALA A 127 -11.90 -9.20 -5.64
N PHE A 128 -10.83 -9.96 -5.41
CA PHE A 128 -10.10 -10.59 -6.49
C PHE A 128 -9.38 -11.82 -5.95
N SER A 129 -9.12 -12.75 -6.85
CA SER A 129 -8.36 -13.95 -6.52
C SER A 129 -6.96 -13.83 -7.12
N ARG A 130 -6.12 -14.82 -6.81
CA ARG A 130 -4.80 -14.83 -7.41
C ARG A 130 -4.93 -15.00 -8.93
N GLY A 131 -3.98 -14.41 -9.66
CA GLY A 131 -4.01 -14.49 -11.10
C GLY A 131 -4.69 -13.35 -11.81
N GLN A 132 -5.10 -12.31 -11.09
CA GLN A 132 -5.84 -11.19 -11.70
C GLN A 132 -5.10 -9.86 -11.64
N MET A 133 -4.34 -9.59 -10.58
CA MET A 133 -3.63 -8.34 -10.38
C MET A 133 -2.13 -8.52 -10.64
N GLN A 134 -1.44 -7.39 -10.82
CA GLN A 134 0.01 -7.41 -10.96
C GLN A 134 0.66 -8.10 -9.77
N LYS A 135 1.70 -8.88 -10.04
CA LYS A 135 2.23 -9.80 -9.03
C LYS A 135 2.63 -9.14 -7.72
N PRO A 136 3.39 -8.03 -7.69
CA PRO A 136 3.75 -7.46 -6.38
C PRO A 136 2.53 -7.04 -5.60
N PHE A 137 1.51 -6.55 -6.30
CA PHE A 137 0.27 -6.14 -5.64
C PHE A 137 -0.49 -7.36 -5.11
N GLU A 138 -0.61 -8.41 -5.94
CA GLU A 138 -1.27 -9.63 -5.51
C GLU A 138 -0.58 -10.24 -4.30
N ASP A 139 0.75 -10.38 -4.35
CA ASP A 139 1.47 -11.02 -3.25
C ASP A 139 1.28 -10.25 -1.96
N ALA A 140 1.36 -8.93 -2.03
CA ALA A 140 1.17 -8.15 -0.82
C ALA A 140 -0.26 -8.27 -0.31
N SER A 141 -1.23 -8.25 -1.23
CA SER A 141 -2.63 -8.33 -0.83
C SER A 141 -2.95 -9.61 -0.07
N PHE A 142 -2.46 -10.74 -0.57
CA PHE A 142 -2.74 -12.02 0.05
C PHE A 142 -1.87 -12.31 1.27
N ALA A 143 -0.83 -11.51 1.52
CA ALA A 143 -0.03 -11.67 2.73
C ALA A 143 -0.54 -10.81 3.88
N LEU A 144 -1.42 -9.85 3.58
CA LEU A 144 -2.04 -9.06 4.62
C LEU A 144 -3.15 -9.84 5.33
N ARG A 145 -3.30 -9.56 6.62
CA ARG A 145 -4.46 -10.03 7.35
C ARG A 145 -5.62 -9.04 7.16
N THR A 146 -6.83 -9.51 7.41
CA THR A 146 -7.98 -8.63 7.26
C THR A 146 -7.81 -7.41 8.17
N GLY A 147 -7.96 -6.22 7.60
CA GLY A 147 -7.81 -4.99 8.33
C GLY A 147 -6.40 -4.42 8.35
N GLU A 148 -5.42 -5.16 7.83
CA GLU A 148 -4.02 -4.76 7.86
C GLU A 148 -3.67 -3.94 6.63
N MET A 149 -2.66 -3.07 6.80
CA MET A 149 -2.22 -2.17 5.73
C MET A 149 -0.78 -2.49 5.36
N SER A 150 -0.46 -2.31 4.08
CA SER A 150 0.91 -2.58 3.65
C SER A 150 1.81 -1.38 3.90
N GLY A 151 3.11 -1.57 3.65
CA GLY A 151 4.00 -0.46 3.41
C GLY A 151 3.98 -0.15 1.92
N PRO A 152 4.96 0.60 1.44
CA PRO A 152 5.01 0.93 0.01
C PRO A 152 5.19 -0.34 -0.81
N VAL A 153 4.28 -0.54 -1.76
CA VAL A 153 4.31 -1.68 -2.68
C VAL A 153 4.52 -1.15 -4.09
N PHE A 154 5.56 -1.62 -4.77
CA PHE A 154 5.97 -1.08 -6.06
C PHE A 154 5.44 -1.96 -7.20
N THR A 155 4.83 -1.32 -8.20
CA THR A 155 4.44 -1.99 -9.44
C THR A 155 4.82 -1.09 -10.60
N ASP A 156 4.61 -1.58 -11.82
CA ASP A 156 4.86 -0.73 -12.98
C ASP A 156 3.95 0.50 -13.00
N SER A 157 2.86 0.48 -12.24
CA SER A 157 1.97 1.63 -12.17
C SER A 157 2.51 2.74 -11.27
N GLY A 158 3.30 2.37 -10.28
CA GLY A 158 3.76 3.35 -9.32
C GLY A 158 3.93 2.69 -7.97
N ILE A 159 3.67 3.46 -6.92
CA ILE A 159 3.83 3.00 -5.55
C ILE A 159 2.48 3.00 -4.88
N HIS A 160 2.11 1.86 -4.26
CA HIS A 160 0.80 1.67 -3.66
C HIS A 160 0.91 1.56 -2.15
N ILE A 161 -0.15 2.01 -1.46
CA ILE A 161 -0.46 1.59 -0.10
C ILE A 161 -1.68 0.72 -0.22
N ILE A 162 -1.65 -0.46 0.39
CA ILE A 162 -2.76 -1.42 0.22
C ILE A 162 -3.41 -1.67 1.57
N LEU A 163 -4.75 -1.64 1.60
CA LEU A 163 -5.54 -1.94 2.78
C LEU A 163 -6.39 -3.16 2.47
N ARG A 164 -6.16 -4.26 3.17
CA ARG A 164 -7.02 -5.42 3.01
C ARG A 164 -8.27 -5.23 3.86
N THR A 165 -9.43 -5.23 3.21
CA THR A 165 -10.68 -4.99 3.92
C THR A 165 -11.49 -6.26 4.13
N GLU A 166 -11.23 -7.33 3.38
N GLU A 166 -11.29 -7.29 3.32
CA GLU A 166 -11.88 -8.62 3.58
CA GLU A 166 -12.01 -8.55 3.47
C GLU A 166 -10.90 -9.77 3.42
C GLU A 166 -11.13 -9.69 2.97
N PHE B 2 -6.40 0.70 -11.32
CA PHE B 2 -6.48 -0.73 -11.39
C PHE B 2 -5.17 -1.26 -11.95
#